data_8R37
#
_entry.id   8R37
#
_cell.length_a   40.620
_cell.length_b   47.030
_cell.length_c   149.200
_cell.angle_alpha   90.000
_cell.angle_beta   90.000
_cell.angle_gamma   90.000
#
_symmetry.space_group_name_H-M   'P 21 21 21'
#
loop_
_entity.id
_entity.type
_entity.pdbx_description
1 polymer 'FosA family fosfomycin resistance glutathione transferase'
2 non-polymer FOSFOMYCIN
3 non-polymer 'MANGANESE (II) ION'
4 non-polymer 'SODIUM ION'
5 non-polymer 'POTASSIUM ION'
6 non-polymer 'L(+)-TARTARIC ACID'
7 water water
#
_entity_poly.entity_id   1
_entity_poly.type   'polypeptide(L)'
_entity_poly.pdbx_seq_one_letter_code
;MLSGLNHLTLAVSQLAPSVAFYQQLLGMTLHARWDSGAYLSCGDLWLCLSLDPQRRVTPPEESDYTHYAFSISEADFASF
AARLEAAGVAVWKLNRSEGASHYFLDPDGHKLELHVGSLAQRLAACREQPYKGMVFFEQKGHHHHHH
;
_entity_poly.pdbx_strand_id   B,A
#
loop_
_chem_comp.id
_chem_comp.type
_chem_comp.name
_chem_comp.formula
FCN non-polymer FOSFOMYCIN 'C3 H7 O4 P'
K non-polymer 'POTASSIUM ION' 'K 1'
MN non-polymer 'MANGANESE (II) ION' 'Mn 2'
NA non-polymer 'SODIUM ION' 'Na 1'
TLA non-polymer 'L(+)-TARTARIC ACID' 'C4 H6 O6'
#
# COMPACT_ATOMS: atom_id res chain seq x y z
N MET A 1 -5.35 18.24 -4.46
CA MET A 1 -5.69 17.58 -3.20
C MET A 1 -5.83 16.07 -3.43
N LEU A 2 -5.25 15.27 -2.54
CA LEU A 2 -5.27 13.82 -2.70
C LEU A 2 -6.59 13.26 -2.20
N SER A 3 -7.12 12.28 -2.94
CA SER A 3 -8.45 11.77 -2.67
C SER A 3 -8.47 10.32 -2.20
N GLY A 4 -7.33 9.68 -2.08
CA GLY A 4 -7.28 8.30 -1.61
C GLY A 4 -6.10 7.56 -2.20
N LEU A 5 -6.09 6.26 -1.97
CA LEU A 5 -5.08 5.40 -2.57
C LEU A 5 -5.47 5.05 -4.00
N ASN A 6 -4.57 5.31 -4.94
CA ASN A 6 -4.86 5.02 -6.33
C ASN A 6 -4.52 3.57 -6.67
N HIS A 7 -3.33 3.12 -6.31
CA HIS A 7 -2.92 1.73 -6.51
C HIS A 7 -1.74 1.37 -5.60
N LEU A 8 -1.59 0.08 -5.36
CA LEU A 8 -0.46 -0.50 -4.63
C LEU A 8 0.30 -1.35 -5.62
N THR A 9 1.62 -1.16 -5.69
CA THR A 9 2.48 -1.92 -6.60
C THR A 9 3.52 -2.68 -5.79
N LEU A 10 3.57 -4.00 -5.98
CA LEU A 10 4.49 -4.88 -5.27
C LEU A 10 5.49 -5.45 -6.26
N ALA A 11 6.78 -5.30 -5.96
CA ALA A 11 7.82 -5.96 -6.76
C ALA A 11 7.84 -7.45 -6.42
N VAL A 12 7.87 -8.29 -7.45
CA VAL A 12 7.82 -9.72 -7.26
C VAL A 12 8.97 -10.38 -8.03
N SER A 13 9.51 -11.47 -7.45
CA SER A 13 10.66 -12.11 -8.10
C SER A 13 10.27 -13.11 -9.17
N GLN A 14 9.09 -13.73 -9.04
CA GLN A 14 8.58 -14.69 -10.02
C GLN A 14 7.11 -14.38 -10.25
N LEU A 15 6.76 -14.07 -11.51
CA LEU A 15 5.42 -13.52 -11.79
C LEU A 15 4.34 -14.57 -11.61
N ALA A 16 4.51 -15.76 -12.20
CA ALA A 16 3.45 -16.76 -12.13
C ALA A 16 3.11 -17.16 -10.71
N PRO A 17 4.08 -17.50 -9.84
CA PRO A 17 3.73 -17.82 -8.44
C PRO A 17 3.04 -16.68 -7.70
N SER A 18 3.43 -15.43 -7.97
CA SER A 18 2.79 -14.33 -7.28
C SER A 18 1.37 -14.10 -7.76
N VAL A 19 1.14 -14.20 -9.07
CA VAL A 19 -0.24 -14.11 -9.56
C VAL A 19 -1.10 -15.20 -8.92
N ALA A 20 -0.58 -16.44 -8.84
CA ALA A 20 -1.33 -17.53 -8.24
C ALA A 20 -1.66 -17.23 -6.78
N PHE A 21 -0.71 -16.65 -6.05
CA PHE A 21 -0.96 -16.29 -4.65
C PHE A 21 -2.11 -15.30 -4.53
N TYR A 22 -2.03 -14.18 -5.24
CA TYR A 22 -3.02 -13.13 -5.04
C TYR A 22 -4.37 -13.51 -5.65
N GLN A 23 -4.37 -14.16 -6.80
CA GLN A 23 -5.62 -14.54 -7.45
C GLN A 23 -6.26 -15.75 -6.80
N GLN A 24 -5.50 -16.83 -6.57
CA GLN A 24 -6.11 -18.07 -6.12
C GLN A 24 -6.20 -18.20 -4.62
N LEU A 25 -5.13 -17.86 -3.88
CA LEU A 25 -5.22 -17.98 -2.42
C LEU A 25 -5.96 -16.81 -1.78
N LEU A 26 -5.74 -15.60 -2.29
CA LEU A 26 -6.42 -14.44 -1.72
C LEU A 26 -7.70 -14.07 -2.44
N GLY A 27 -7.99 -14.71 -3.58
CA GLY A 27 -9.25 -14.48 -4.25
C GLY A 27 -9.36 -13.16 -5.00
N MET A 28 -8.25 -12.48 -5.28
CA MET A 28 -8.45 -11.24 -6.02
C MET A 28 -8.72 -11.52 -7.50
N THR A 29 -9.30 -10.53 -8.16
CA THR A 29 -9.68 -10.63 -9.56
C THR A 29 -8.49 -10.29 -10.43
N LEU A 30 -8.08 -11.21 -11.29
CA LEU A 30 -7.02 -10.96 -12.27
C LEU A 30 -7.63 -10.30 -13.51
N HIS A 31 -7.13 -9.12 -13.86
CA HIS A 31 -7.66 -8.39 -15.01
C HIS A 31 -6.75 -8.48 -16.23
N ALA A 32 -5.44 -8.48 -16.02
CA ALA A 32 -4.52 -8.51 -17.15
C ALA A 32 -3.17 -9.00 -16.65
N ARG A 33 -2.41 -9.61 -17.55
CA ARG A 33 -1.05 -10.05 -17.25
C ARG A 33 -0.20 -9.83 -18.48
N TRP A 34 1.06 -9.45 -18.28
CA TRP A 34 2.00 -9.27 -19.37
C TRP A 34 3.33 -9.89 -19.00
N ASP A 35 4.33 -9.78 -19.88
CA ASP A 35 5.60 -10.45 -19.61
C ASP A 35 6.23 -10.01 -18.30
N SER A 36 5.95 -8.78 -17.83
CA SER A 36 6.63 -8.26 -16.66
CA SER A 36 6.63 -8.22 -16.68
C SER A 36 5.67 -7.76 -15.59
N GLY A 37 4.43 -8.22 -15.59
CA GLY A 37 3.55 -7.75 -14.54
C GLY A 37 2.14 -8.28 -14.65
N ALA A 38 1.31 -7.87 -13.70
CA ALA A 38 -0.11 -8.19 -13.71
C ALA A 38 -0.90 -7.12 -12.96
N TYR A 39 -2.18 -7.00 -13.33
CA TYR A 39 -3.11 -6.12 -12.65
C TYR A 39 -4.21 -6.96 -12.02
N LEU A 40 -4.45 -6.74 -10.72
CA LEU A 40 -5.53 -7.39 -10.00
C LEU A 40 -6.33 -6.33 -9.24
N SER A 41 -7.54 -6.71 -8.84
CA SER A 41 -8.36 -5.85 -8.02
C SER A 41 -8.96 -6.62 -6.85
N CYS A 42 -9.23 -5.88 -5.79
CA CYS A 42 -9.72 -6.39 -4.53
C CYS A 42 -10.68 -5.29 -4.05
N GLY A 43 -11.96 -5.43 -4.37
CA GLY A 43 -12.86 -4.31 -4.14
C GLY A 43 -12.37 -3.09 -4.92
N ASP A 44 -12.20 -1.97 -4.22
CA ASP A 44 -11.72 -0.74 -4.87
CA ASP A 44 -11.71 -0.74 -4.85
C ASP A 44 -10.20 -0.70 -5.00
N LEU A 45 -9.49 -1.69 -4.47
CA LEU A 45 -8.03 -1.67 -4.51
C LEU A 45 -7.52 -2.17 -5.85
N TRP A 46 -6.69 -1.35 -6.49
CA TRP A 46 -5.96 -1.71 -7.70
C TRP A 46 -4.58 -2.19 -7.25
N LEU A 47 -4.27 -3.46 -7.51
CA LEU A 47 -2.98 -4.03 -7.16
C LEU A 47 -2.20 -4.30 -8.44
N CYS A 48 -0.98 -3.79 -8.51
CA CYS A 48 -0.08 -4.09 -9.61
CA CYS A 48 -0.07 -4.08 -9.61
C CYS A 48 1.06 -4.94 -9.07
N LEU A 49 1.29 -6.09 -9.71
CA LEU A 49 2.47 -6.91 -9.47
C LEU A 49 3.47 -6.58 -10.57
N SER A 50 4.68 -6.18 -10.18
CA SER A 50 5.73 -5.79 -11.13
C SER A 50 6.89 -6.78 -11.03
N LEU A 51 7.19 -7.46 -12.13
CA LEU A 51 8.31 -8.40 -12.13
C LEU A 51 9.62 -7.63 -11.98
N ASP A 52 10.37 -7.94 -10.93
CA ASP A 52 11.59 -7.19 -10.66
C ASP A 52 12.61 -8.25 -10.26
N PRO A 53 13.59 -8.55 -11.12
CA PRO A 53 14.51 -9.66 -10.84
C PRO A 53 15.41 -9.42 -9.64
N GLN A 54 15.41 -8.20 -9.10
CA GLN A 54 16.19 -7.86 -7.93
C GLN A 54 15.33 -7.74 -6.67
N ARG A 55 14.06 -8.13 -6.75
CA ARG A 55 13.29 -8.35 -5.52
C ARG A 55 13.90 -9.52 -4.76
N ARG A 56 14.23 -9.30 -3.49
CA ARG A 56 14.77 -10.37 -2.66
C ARG A 56 13.63 -11.08 -1.95
N VAL A 57 13.76 -12.41 -1.81
CA VAL A 57 12.88 -13.14 -0.91
C VAL A 57 13.34 -12.83 0.51
N THR A 58 12.58 -12.01 1.21
CA THR A 58 13.06 -11.33 2.40
C THR A 58 12.48 -11.95 3.66
N PRO A 59 13.31 -12.50 4.53
CA PRO A 59 12.84 -13.01 5.83
C PRO A 59 12.22 -11.89 6.64
N PRO A 60 11.13 -12.15 7.36
CA PRO A 60 10.43 -11.06 8.05
C PRO A 60 11.25 -10.43 9.15
N GLU A 61 12.20 -11.15 9.72
CA GLU A 61 13.05 -10.58 10.76
C GLU A 61 14.08 -9.60 10.19
N GLU A 62 14.26 -9.55 8.88
CA GLU A 62 15.20 -8.63 8.27
C GLU A 62 14.53 -7.44 7.58
N SER A 63 13.22 -7.39 7.53
CA SER A 63 12.50 -6.26 6.95
C SER A 63 11.79 -5.48 8.06
N ASP A 64 11.50 -4.22 7.77
CA ASP A 64 10.86 -3.37 8.77
C ASP A 64 9.35 -3.64 8.82
N TYR A 65 8.63 -2.86 9.61
CA TYR A 65 7.22 -3.09 9.90
C TYR A 65 6.28 -2.66 8.77
N THR A 66 6.79 -2.12 7.66
CA THR A 66 5.92 -1.72 6.55
C THR A 66 5.05 -2.91 6.12
N HIS A 67 3.74 -2.70 6.07
CA HIS A 67 2.85 -3.82 5.72
C HIS A 67 1.53 -3.32 5.15
N TYR A 68 0.81 -4.25 4.51
CA TYR A 68 -0.40 -3.93 3.74
C TYR A 68 -1.54 -4.78 4.28
N ALA A 69 -2.59 -4.13 4.76
CA ALA A 69 -3.71 -4.84 5.37
C ALA A 69 -4.95 -4.79 4.47
N PHE A 70 -5.57 -5.95 4.28
CA PHE A 70 -6.80 -6.06 3.50
C PHE A 70 -8.00 -6.21 4.42
N SER A 71 -9.13 -5.61 4.01
CA SER A 71 -10.36 -5.72 4.79
C SER A 71 -11.05 -7.05 4.55
N ILE A 72 -11.67 -7.58 5.60
CA ILE A 72 -12.46 -8.80 5.54
C ILE A 72 -13.52 -8.70 6.64
N SER A 73 -14.68 -9.30 6.38
CA SER A 73 -15.76 -9.23 7.36
C SER A 73 -15.47 -10.15 8.54
N GLU A 74 -16.08 -9.85 9.69
CA GLU A 74 -15.85 -10.72 10.84
C GLU A 74 -16.35 -12.13 10.58
N ALA A 75 -17.40 -12.28 9.76
CA ALA A 75 -17.95 -13.60 9.48
C ALA A 75 -17.02 -14.43 8.61
N ASP A 76 -16.23 -13.80 7.75
CA ASP A 76 -15.36 -14.49 6.82
C ASP A 76 -13.94 -14.71 7.36
N PHE A 77 -13.55 -13.98 8.42
CA PHE A 77 -12.15 -13.92 8.83
C PHE A 77 -11.60 -15.30 9.17
N ALA A 78 -12.26 -16.04 10.06
CA ALA A 78 -11.65 -17.22 10.65
C ALA A 78 -11.37 -18.30 9.60
N SER A 79 -12.34 -18.56 8.72
CA SER A 79 -12.12 -19.60 7.71
C SER A 79 -11.10 -19.16 6.66
N PHE A 80 -11.07 -17.86 6.33
CA PHE A 80 -10.06 -17.36 5.39
C PHE A 80 -8.65 -17.55 5.94
N ALA A 81 -8.44 -17.17 7.21
CA ALA A 81 -7.14 -17.40 7.85
C ALA A 81 -6.81 -18.88 7.93
N ALA A 82 -7.80 -19.72 8.22
CA ALA A 82 -7.55 -21.16 8.31
C ALA A 82 -7.13 -21.75 6.97
N ARG A 83 -7.72 -21.28 5.87
CA ARG A 83 -7.28 -21.77 4.57
C ARG A 83 -5.87 -21.31 4.24
N LEU A 84 -5.51 -20.07 4.58
CA LEU A 84 -4.14 -19.65 4.37
C LEU A 84 -3.17 -20.52 5.16
N GLU A 85 -3.49 -20.81 6.43
CA GLU A 85 -2.67 -21.71 7.23
C GLU A 85 -2.54 -23.08 6.57
N ALA A 86 -3.66 -23.63 6.07
CA ALA A 86 -3.65 -24.95 5.45
C ALA A 86 -2.80 -24.95 4.18
N ALA A 87 -2.68 -23.79 3.53
CA ALA A 87 -1.87 -23.65 2.32
C ALA A 87 -0.40 -23.42 2.62
N GLY A 88 0.00 -23.45 3.88
CA GLY A 88 1.40 -23.24 4.23
C GLY A 88 1.88 -21.81 4.19
N VAL A 89 0.96 -20.84 4.23
CA VAL A 89 1.33 -19.43 4.17
C VAL A 89 1.83 -19.01 5.54
N ALA A 90 3.03 -18.43 5.58
CA ALA A 90 3.69 -18.18 6.86
C ALA A 90 3.05 -16.98 7.59
N VAL A 91 3.04 -17.07 8.92
CA VAL A 91 2.57 -16.00 9.79
C VAL A 91 3.80 -15.28 10.35
N TRP A 92 3.79 -13.94 10.34
CA TRP A 92 4.94 -13.18 10.79
C TRP A 92 4.75 -12.46 12.13
N LYS A 93 3.56 -12.54 12.74
CA LYS A 93 3.33 -11.87 14.01
C LYS A 93 1.98 -12.30 14.57
N LEU A 94 1.89 -12.32 15.91
CA LEU A 94 0.65 -12.57 16.62
C LEU A 94 -0.14 -11.27 16.77
N ASN A 95 -1.47 -11.39 16.77
CA ASN A 95 -2.29 -10.20 16.92
C ASN A 95 -2.16 -9.63 18.32
N ARG A 96 -1.80 -8.34 18.41
CA ARG A 96 -1.71 -7.65 19.69
C ARG A 96 -2.52 -6.34 19.75
N SER A 97 -3.30 -6.02 18.73
CA SER A 97 -4.09 -4.80 18.71
C SER A 97 -5.57 -5.15 18.50
N GLU A 98 -6.44 -4.17 18.73
CA GLU A 98 -7.88 -4.42 18.69
C GLU A 98 -8.34 -4.79 17.28
N GLY A 99 -9.34 -5.67 17.23
CA GLY A 99 -9.90 -6.12 15.97
C GLY A 99 -9.13 -7.30 15.42
N ALA A 100 -9.84 -8.34 14.98
CA ALA A 100 -9.17 -9.54 14.48
C ALA A 100 -8.18 -9.21 13.37
N SER A 101 -6.96 -9.74 13.50
CA SER A 101 -5.92 -9.60 12.49
C SER A 101 -5.13 -10.89 12.33
N HIS A 102 -4.83 -11.24 11.08
CA HIS A 102 -3.97 -12.35 10.71
C HIS A 102 -2.82 -11.77 9.89
N TYR A 103 -1.59 -11.96 10.37
CA TYR A 103 -0.41 -11.32 9.80
C TYR A 103 0.38 -12.39 9.04
N PHE A 104 0.41 -12.26 7.71
CA PHE A 104 0.94 -13.34 6.87
C PHE A 104 1.83 -12.76 5.79
N LEU A 105 2.63 -13.64 5.17
CA LEU A 105 3.64 -13.25 4.20
C LEU A 105 3.29 -13.73 2.80
N ASP A 106 3.63 -12.91 1.81
CA ASP A 106 3.51 -13.31 0.40
C ASP A 106 4.75 -14.09 0.01
N PRO A 107 4.80 -14.62 -1.21
CA PRO A 107 5.94 -15.46 -1.62
C PRO A 107 7.29 -14.80 -1.56
N ASP A 108 7.35 -13.47 -1.67
CA ASP A 108 8.60 -12.73 -1.62
C ASP A 108 8.86 -12.09 -0.26
N GLY A 109 8.02 -12.39 0.72
CA GLY A 109 8.19 -11.81 2.03
C GLY A 109 7.50 -10.47 2.25
N HIS A 110 6.69 -9.99 1.30
CA HIS A 110 5.90 -8.80 1.59
C HIS A 110 4.99 -9.09 2.77
N LYS A 111 4.96 -8.18 3.73
CA LYS A 111 4.18 -8.34 4.95
C LYS A 111 2.74 -7.90 4.72
N LEU A 112 1.81 -8.84 4.91
CA LEU A 112 0.39 -8.63 4.65
C LEU A 112 -0.40 -8.85 5.93
N GLU A 113 -1.65 -8.42 5.89
CA GLU A 113 -2.52 -8.60 7.05
C GLU A 113 -3.98 -8.67 6.59
N LEU A 114 -4.76 -9.56 7.22
CA LEU A 114 -6.21 -9.46 7.17
C LEU A 114 -6.65 -8.74 8.44
N HIS A 115 -7.56 -7.78 8.32
CA HIS A 115 -8.03 -7.04 9.48
C HIS A 115 -9.52 -6.79 9.38
N VAL A 116 -10.22 -7.02 10.50
CA VAL A 116 -11.62 -6.66 10.66
C VAL A 116 -11.66 -5.39 11.51
N GLY A 117 -12.13 -4.29 10.92
CA GLY A 117 -12.32 -3.08 11.68
C GLY A 117 -11.79 -1.86 10.94
N SER A 118 -12.37 -0.71 11.23
CA SER A 118 -12.08 0.51 10.49
C SER A 118 -11.17 1.44 11.29
N LEU A 119 -10.77 2.54 10.65
CA LEU A 119 -10.06 3.58 11.37
C LEU A 119 -10.91 4.15 12.48
N ALA A 120 -12.19 4.40 12.20
CA ALA A 120 -13.09 4.95 13.23
C ALA A 120 -13.18 4.01 14.42
N GLN A 121 -13.21 2.70 14.17
CA GLN A 121 -13.26 1.75 15.28
C GLN A 121 -11.96 1.79 16.08
N ARG A 122 -10.83 1.92 15.39
CA ARG A 122 -9.55 1.99 16.09
C ARG A 122 -9.44 3.25 16.94
N LEU A 123 -9.87 4.40 16.39
CA LEU A 123 -9.78 5.64 17.16
C LEU A 123 -10.69 5.60 18.37
N ALA A 124 -11.86 4.97 18.25
CA ALA A 124 -12.75 4.84 19.40
C ALA A 124 -12.12 4.00 20.49
N ALA A 125 -11.47 2.90 20.11
CA ALA A 125 -10.76 2.08 21.10
C ALA A 125 -9.59 2.84 21.72
N CYS A 126 -8.91 3.68 20.93
CA CYS A 126 -7.83 4.48 21.48
C CYS A 126 -8.33 5.54 22.44
N ARG A 127 -9.51 6.11 22.18
CA ARG A 127 -10.04 7.11 23.10
C ARG A 127 -10.35 6.52 24.46
N GLU A 128 -10.76 5.25 24.51
CA GLU A 128 -11.00 4.61 25.80
C GLU A 128 -9.70 4.18 26.48
N GLN A 129 -8.71 3.74 25.70
CA GLN A 129 -7.43 3.29 26.23
C GLN A 129 -6.33 3.87 25.36
N PRO A 130 -5.87 5.09 25.67
CA PRO A 130 -4.87 5.73 24.80
C PRO A 130 -3.56 4.95 24.78
N TYR A 131 -2.91 4.96 23.61
CA TYR A 131 -1.56 4.44 23.51
C TYR A 131 -0.58 5.33 24.29
N LYS A 132 0.65 4.85 24.41
CA LYS A 132 1.66 5.53 25.21
C LYS A 132 1.95 6.90 24.63
N GLY A 133 1.68 7.94 25.42
CA GLY A 133 1.95 9.30 25.00
C GLY A 133 1.06 9.81 23.89
N MET A 134 -0.13 9.25 23.72
CA MET A 134 -0.91 9.58 22.54
C MET A 134 -1.63 10.91 22.72
N VAL A 135 -1.75 11.64 21.61
CA VAL A 135 -2.40 12.94 21.54
C VAL A 135 -3.48 12.83 20.47
N PHE A 136 -4.66 13.40 20.74
CA PHE A 136 -5.80 13.30 19.84
C PHE A 136 -6.06 14.64 19.17
N PHE A 137 -6.36 14.60 17.88
CA PHE A 137 -6.70 15.78 17.09
C PHE A 137 -8.12 15.61 16.53
N GLU A 138 -8.88 16.70 16.48
CA GLU A 138 -10.32 16.65 16.22
C GLU A 138 -10.66 17.27 14.86
N GLN A 139 -11.89 17.74 14.71
CA GLN A 139 -12.42 18.27 13.46
C GLN A 139 -11.63 19.49 12.95
N MET B 1 -13.86 -13.34 2.11
CA MET B 1 -13.52 -12.64 0.87
C MET B 1 -13.03 -11.22 1.16
N LEU B 2 -11.94 -10.82 0.50
CA LEU B 2 -11.33 -9.52 0.75
C LEU B 2 -12.10 -8.42 0.02
N SER B 3 -12.30 -7.28 0.70
CA SER B 3 -13.14 -6.21 0.18
C SER B 3 -12.39 -4.94 -0.19
N GLY B 4 -11.07 -4.93 -0.04
CA GLY B 4 -10.27 -3.76 -0.36
C GLY B 4 -9.10 -3.65 0.58
N LEU B 5 -8.42 -2.50 0.51
CA LEU B 5 -7.31 -2.24 1.42
C LEU B 5 -7.87 -1.71 2.73
N ASN B 6 -7.46 -2.32 3.84
CA ASN B 6 -7.91 -1.84 5.13
C ASN B 6 -7.06 -0.68 5.63
N HIS B 7 -5.73 -0.87 5.65
CA HIS B 7 -4.83 0.23 5.99
C HIS B 7 -3.48 -0.05 5.36
N LEU B 8 -2.69 1.02 5.25
CA LEU B 8 -1.32 0.99 4.76
C LEU B 8 -0.45 1.43 5.92
N THR B 9 0.55 0.63 6.29
CA THR B 9 1.43 0.94 7.40
C THR B 9 2.85 1.11 6.88
N LEU B 10 3.43 2.29 7.10
CA LEU B 10 4.79 2.60 6.67
C LEU B 10 5.69 2.70 7.90
N ALA B 11 6.81 1.98 7.88
CA ALA B 11 7.82 2.14 8.92
C ALA B 11 8.61 3.42 8.68
N VAL B 12 8.79 4.21 9.73
CA VAL B 12 9.50 5.48 9.61
C VAL B 12 10.62 5.54 10.65
N SER B 13 11.67 6.30 10.33
CA SER B 13 12.81 6.40 11.24
C SER B 13 12.71 7.57 12.22
N GLN B 14 11.99 8.63 11.85
CA GLN B 14 11.82 9.81 12.70
C GLN B 14 10.36 10.24 12.58
N LEU B 15 9.61 10.15 13.68
CA LEU B 15 8.16 10.29 13.61
C LEU B 15 7.73 11.71 13.24
N ALA B 16 8.27 12.72 13.92
CA ALA B 16 7.82 14.08 13.66
C ALA B 16 8.06 14.52 12.22
N PRO B 17 9.25 14.32 11.64
CA PRO B 17 9.42 14.65 10.21
C PRO B 17 8.48 13.89 9.29
N SER B 18 8.16 12.63 9.61
CA SER B 18 7.26 11.88 8.74
C SER B 18 5.83 12.38 8.84
N VAL B 19 5.37 12.66 10.07
CA VAL B 19 4.05 13.26 10.21
C VAL B 19 3.96 14.57 9.44
N ALA B 20 4.99 15.41 9.55
CA ALA B 20 4.99 16.69 8.85
C ALA B 20 4.91 16.50 7.33
N PHE B 21 5.58 15.48 6.81
CA PHE B 21 5.54 15.20 5.38
C PHE B 21 4.13 14.83 4.93
N TYR B 22 3.53 13.83 5.56
CA TYR B 22 2.23 13.34 5.13
C TYR B 22 1.13 14.35 5.45
N GLN B 23 1.20 15.03 6.60
CA GLN B 23 0.16 15.99 6.97
C GLN B 23 0.32 17.30 6.21
N GLN B 24 1.51 17.88 6.22
CA GLN B 24 1.66 19.23 5.70
C GLN B 24 1.94 19.25 4.20
N LEU B 25 2.86 18.40 3.71
CA LEU B 25 3.19 18.43 2.29
C LEU B 25 2.17 17.67 1.44
N LEU B 26 1.60 16.59 1.97
CA LEU B 26 0.60 15.84 1.19
C LEU B 26 -0.83 16.18 1.57
N GLY B 27 -1.03 16.97 2.63
CA GLY B 27 -2.37 17.39 3.00
C GLY B 27 -3.25 16.35 3.66
N MET B 28 -2.68 15.26 4.18
CA MET B 28 -3.57 14.28 4.78
C MET B 28 -4.00 14.72 6.19
N THR B 29 -5.08 14.10 6.68
CA THR B 29 -5.66 14.47 7.97
C THR B 29 -4.99 13.69 9.09
N LEU B 30 -4.44 14.39 10.07
CA LEU B 30 -3.85 13.74 11.24
C LEU B 30 -4.93 13.51 12.29
N HIS B 31 -5.12 12.26 12.69
CA HIS B 31 -6.14 11.93 13.70
C HIS B 31 -5.57 11.76 15.09
N ALA B 32 -4.40 11.13 15.21
CA ALA B 32 -3.78 10.87 16.49
C ALA B 32 -2.31 10.56 16.26
N ARG B 33 -1.48 10.91 17.24
CA ARG B 33 -0.09 10.49 17.24
C ARG B 33 0.25 9.98 18.63
N TRP B 34 1.23 9.10 18.71
CA TRP B 34 1.71 8.60 19.98
C TRP B 34 3.23 8.45 19.91
N ASP B 35 3.82 7.96 21.00
CA ASP B 35 5.28 7.92 21.07
C ASP B 35 5.89 7.11 19.94
N SER B 36 5.14 6.16 19.38
CA SER B 36 5.70 5.29 18.36
C SER B 36 4.84 5.20 17.10
N GLY B 37 3.98 6.16 16.85
CA GLY B 37 3.19 6.08 15.62
C GLY B 37 2.29 7.28 15.43
N ALA B 38 1.59 7.26 14.29
CA ALA B 38 0.54 8.23 13.99
C ALA B 38 -0.47 7.60 13.04
N TYR B 39 -1.71 8.08 13.12
CA TYR B 39 -2.80 7.66 12.24
C TYR B 39 -3.25 8.86 11.42
N LEU B 40 -3.22 8.73 10.10
CA LEU B 40 -3.70 9.75 9.18
C LEU B 40 -4.70 9.14 8.23
N SER B 41 -5.49 9.98 7.59
CA SER B 41 -6.40 9.53 6.54
C SER B 41 -6.26 10.42 5.31
N CYS B 42 -6.52 9.81 4.16
CA CYS B 42 -6.46 10.47 2.86
C CYS B 42 -7.65 9.90 2.11
N GLY B 43 -8.75 10.64 2.07
CA GLY B 43 -9.99 10.04 1.59
C GLY B 43 -10.34 8.81 2.43
N ASP B 44 -10.58 7.69 1.74
CA ASP B 44 -10.89 6.42 2.37
C ASP B 44 -9.66 5.71 2.93
N LEU B 45 -8.46 6.20 2.64
CA LEU B 45 -7.26 5.49 3.00
C LEU B 45 -6.90 5.75 4.46
N TRP B 46 -6.71 4.67 5.21
CA TRP B 46 -6.18 4.73 6.57
C TRP B 46 -4.67 4.50 6.46
N LEU B 47 -3.89 5.52 6.80
CA LEU B 47 -2.43 5.44 6.77
C LEU B 47 -1.92 5.41 8.20
N CYS B 48 -1.03 4.45 8.49
N CYS B 48 -1.08 4.43 8.50
CA CYS B 48 -0.38 4.34 9.79
CA CYS B 48 -0.38 4.37 9.79
C CYS B 48 1.12 4.52 9.58
C CYS B 48 1.10 4.56 9.55
N LEU B 49 1.70 5.48 10.29
CA LEU B 49 3.14 5.61 10.36
C LEU B 49 3.58 4.94 11.65
N SER B 50 4.56 4.05 11.56
CA SER B 50 5.03 3.28 12.68
C SER B 50 6.51 3.55 12.89
N LEU B 51 6.84 4.16 14.03
CA LEU B 51 8.23 4.40 14.36
C LEU B 51 8.94 3.08 14.55
N ASP B 52 9.98 2.84 13.75
CA ASP B 52 10.55 1.50 13.81
C ASP B 52 12.05 1.69 13.74
N PRO B 53 12.79 1.30 14.78
CA PRO B 53 14.26 1.45 14.75
C PRO B 53 14.91 0.70 13.61
N GLN B 54 14.22 -0.26 12.99
CA GLN B 54 14.78 -1.01 11.87
C GLN B 54 14.72 -0.25 10.56
N ARG B 55 13.93 0.82 10.46
CA ARG B 55 13.84 1.55 9.21
C ARG B 55 15.12 2.34 8.95
N ARG B 56 15.70 2.14 7.77
CA ARG B 56 16.82 2.95 7.30
C ARG B 56 16.36 3.91 6.21
N VAL B 57 16.98 5.08 6.17
CA VAL B 57 16.78 6.01 5.06
C VAL B 57 17.40 5.38 3.81
N THR B 58 16.57 5.03 2.83
CA THR B 58 17.02 4.16 1.76
C THR B 58 17.04 4.89 0.43
N PRO B 59 18.20 5.03 -0.21
CA PRO B 59 18.24 5.66 -1.53
C PRO B 59 17.43 4.85 -2.51
N PRO B 60 16.80 5.49 -3.50
CA PRO B 60 15.91 4.73 -4.39
C PRO B 60 16.62 3.66 -5.19
N GLU B 61 17.91 3.84 -5.47
CA GLU B 61 18.67 2.85 -6.22
C GLU B 61 19.00 1.63 -5.37
N GLU B 62 18.67 1.66 -4.08
CA GLU B 62 18.87 0.51 -3.22
C GLU B 62 17.57 -0.18 -2.82
N SER B 63 16.44 0.22 -3.40
CA SER B 63 15.17 -0.43 -3.10
C SER B 63 14.53 -0.89 -4.40
N ASP B 64 13.62 -1.86 -4.27
CA ASP B 64 12.95 -2.41 -5.46
C ASP B 64 11.81 -1.49 -5.89
N TYR B 65 11.01 -1.96 -6.84
CA TYR B 65 9.98 -1.16 -7.49
C TYR B 65 8.72 -0.99 -6.65
N THR B 66 8.61 -1.65 -5.50
CA THR B 66 7.43 -1.54 -4.64
C THR B 66 7.12 -0.08 -4.33
N HIS B 67 5.87 0.33 -4.55
CA HIS B 67 5.55 1.75 -4.36
C HIS B 67 4.05 1.96 -4.16
N TYR B 68 3.69 3.14 -3.65
CA TYR B 68 2.33 3.48 -3.22
C TYR B 68 1.86 4.73 -3.95
N ALA B 69 0.73 4.64 -4.64
CA ALA B 69 0.22 5.74 -5.45
C ALA B 69 -1.06 6.30 -4.85
N PHE B 70 -1.15 7.63 -4.82
CA PHE B 70 -2.32 8.34 -4.35
C PHE B 70 -3.03 9.01 -5.51
N SER B 71 -4.36 9.06 -5.44
CA SER B 71 -5.18 9.67 -6.49
C SER B 71 -5.21 11.19 -6.37
N ILE B 72 -5.19 11.86 -7.52
CA ILE B 72 -5.30 13.32 -7.61
C ILE B 72 -6.00 13.63 -8.93
N SER B 73 -6.68 14.78 -8.98
CA SER B 73 -7.39 15.16 -10.18
C SER B 73 -6.43 15.72 -11.24
N GLU B 74 -6.87 15.65 -12.50
CA GLU B 74 -6.13 16.29 -13.58
C GLU B 74 -5.87 17.76 -13.30
N ALA B 75 -6.88 18.45 -12.77
CA ALA B 75 -6.75 19.89 -12.57
C ALA B 75 -5.71 20.24 -11.50
N ASP B 76 -5.57 19.38 -10.48
CA ASP B 76 -4.67 19.68 -9.37
C ASP B 76 -3.25 19.15 -9.56
N PHE B 77 -3.06 18.25 -10.53
CA PHE B 77 -1.82 17.48 -10.62
C PHE B 77 -0.58 18.36 -10.75
N ALA B 78 -0.56 19.26 -11.76
CA ALA B 78 0.69 19.92 -12.11
C ALA B 78 1.20 20.80 -10.98
N SER B 79 0.32 21.57 -10.35
CA SER B 79 0.78 22.48 -9.29
C SER B 79 1.12 21.71 -8.01
N PHE B 80 0.41 20.61 -7.74
CA PHE B 80 0.75 19.78 -6.58
C PHE B 80 2.17 19.22 -6.71
N ALA B 81 2.49 18.66 -7.88
CA ALA B 81 3.85 18.16 -8.11
C ALA B 81 4.87 19.28 -8.03
N ALA B 82 4.56 20.46 -8.58
CA ALA B 82 5.50 21.58 -8.53
C ALA B 82 5.76 22.02 -7.09
N ARG B 83 4.73 22.02 -6.25
CA ARG B 83 4.93 22.37 -4.84
C ARG B 83 5.81 21.34 -4.14
N LEU B 84 5.61 20.05 -4.44
CA LEU B 84 6.49 19.04 -3.87
C LEU B 84 7.95 19.27 -4.28
N GLU B 85 8.19 19.50 -5.58
CA GLU B 85 9.56 19.73 -6.03
C GLU B 85 10.18 20.96 -5.36
N ALA B 86 9.39 22.03 -5.20
CA ALA B 86 9.89 23.23 -4.55
C ALA B 86 10.18 22.99 -3.07
N ALA B 87 9.55 21.99 -2.46
CA ALA B 87 9.84 21.63 -1.08
C ALA B 87 11.04 20.71 -0.95
N GLY B 88 11.75 20.45 -2.04
CA GLY B 88 12.92 19.59 -1.98
C GLY B 88 12.60 18.12 -1.98
N VAL B 89 11.37 17.73 -2.32
CA VAL B 89 10.99 16.32 -2.39
C VAL B 89 11.57 15.72 -3.67
N ALA B 90 12.34 14.65 -3.53
CA ALA B 90 13.03 14.08 -4.68
C ALA B 90 12.09 13.29 -5.59
N VAL B 91 12.44 13.27 -6.88
CA VAL B 91 11.76 12.47 -7.89
C VAL B 91 12.58 11.21 -8.10
N TRP B 92 11.91 10.04 -8.14
CA TRP B 92 12.61 8.77 -8.35
C TRP B 92 12.34 8.12 -9.70
N LYS B 93 11.39 8.62 -10.48
CA LYS B 93 11.09 8.01 -11.78
C LYS B 93 10.39 9.02 -12.66
N LEU B 94 10.68 8.99 -13.96
CA LEU B 94 9.92 9.76 -14.93
C LEU B 94 8.71 8.96 -15.40
N ASN B 95 7.59 9.65 -15.59
CA ASN B 95 6.37 8.95 -15.97
C ASN B 95 6.54 8.33 -17.36
N ARG B 96 6.14 7.07 -17.50
CA ARG B 96 6.28 6.39 -18.79
C ARG B 96 5.03 5.55 -19.09
N SER B 97 3.91 5.84 -18.45
CA SER B 97 2.69 5.08 -18.66
C SER B 97 1.51 6.02 -18.79
N GLU B 98 0.36 5.43 -19.07
CA GLU B 98 -0.87 6.18 -19.31
C GLU B 98 -1.28 6.98 -18.08
N GLY B 99 -1.71 8.22 -18.31
CA GLY B 99 -2.21 9.06 -17.24
C GLY B 99 -1.09 9.78 -16.51
N ALA B 100 -1.33 11.02 -16.08
CA ALA B 100 -0.28 11.79 -15.43
C ALA B 100 0.14 11.11 -14.13
N SER B 101 1.45 11.08 -13.89
CA SER B 101 2.01 10.51 -12.68
C SER B 101 3.25 11.27 -12.29
N HIS B 102 3.44 11.45 -10.98
CA HIS B 102 4.62 12.08 -10.41
C HIS B 102 5.19 11.13 -9.38
N TYR B 103 6.44 10.71 -9.55
CA TYR B 103 7.06 9.67 -8.71
C TYR B 103 8.04 10.33 -7.76
N PHE B 104 7.74 10.27 -6.45
CA PHE B 104 8.46 11.04 -5.45
C PHE B 104 8.73 10.19 -4.22
N LEU B 105 9.69 10.63 -3.41
CA LEU B 105 10.18 9.88 -2.26
C LEU B 105 9.77 10.54 -0.95
N ASP B 106 9.46 9.71 0.08
CA ASP B 106 9.16 10.27 1.40
C ASP B 106 10.48 10.41 2.15
N PRO B 107 10.49 10.92 3.39
CA PRO B 107 11.79 11.17 4.06
C PRO B 107 12.65 9.95 4.27
N ASP B 108 12.07 8.76 4.39
CA ASP B 108 12.85 7.54 4.54
C ASP B 108 13.13 6.82 3.23
N GLY B 109 12.72 7.38 2.10
CA GLY B 109 12.89 6.72 0.82
C GLY B 109 11.76 5.82 0.39
N HIS B 110 10.62 5.85 1.07
CA HIS B 110 9.48 5.09 0.56
C HIS B 110 9.10 5.67 -0.79
N LYS B 111 8.89 4.80 -1.77
CA LYS B 111 8.57 5.23 -3.13
C LYS B 111 7.07 5.50 -3.24
N LEU B 112 6.74 6.74 -3.58
CA LEU B 112 5.37 7.24 -3.67
C LEU B 112 5.10 7.73 -5.09
N GLU B 113 3.81 7.94 -5.36
CA GLU B 113 3.37 8.37 -6.68
C GLU B 113 2.06 9.14 -6.53
N LEU B 114 1.90 10.21 -7.31
CA LEU B 114 0.61 10.82 -7.56
C LEU B 114 0.16 10.36 -8.94
N HIS B 115 -1.08 9.88 -9.06
CA HIS B 115 -1.55 9.35 -10.33
C HIS B 115 -2.96 9.83 -10.65
N VAL B 116 -3.16 10.23 -11.90
CA VAL B 116 -4.47 10.63 -12.41
C VAL B 116 -4.98 9.48 -13.27
N GLY B 117 -5.98 8.75 -12.80
CA GLY B 117 -6.60 7.70 -13.59
C GLY B 117 -6.87 6.44 -12.82
N SER B 118 -7.84 5.67 -13.30
CA SER B 118 -8.28 4.46 -12.62
C SER B 118 -7.76 3.20 -13.30
N LEU B 119 -7.99 2.06 -12.65
CA LEU B 119 -7.66 0.79 -13.24
C LEU B 119 -8.45 0.58 -14.54
N ALA B 120 -9.75 0.91 -14.53
CA ALA B 120 -10.55 0.74 -15.73
C ALA B 120 -9.98 1.55 -16.89
N GLN B 121 -9.54 2.78 -16.61
CA GLN B 121 -8.97 3.60 -17.67
CA GLN B 121 -8.96 3.60 -17.68
C GLN B 121 -7.64 3.02 -18.15
N ARG B 122 -6.84 2.46 -17.24
CA ARG B 122 -5.58 1.82 -17.62
C ARG B 122 -5.85 0.61 -18.50
N LEU B 123 -6.84 -0.20 -18.13
CA LEU B 123 -7.16 -1.40 -18.92
C LEU B 123 -7.59 -1.01 -20.33
N ALA B 124 -8.46 -0.01 -20.43
CA ALA B 124 -8.90 0.42 -21.76
C ALA B 124 -7.74 0.91 -22.60
N ALA B 125 -6.83 1.69 -22.00
CA ALA B 125 -5.66 2.16 -22.74
C ALA B 125 -4.74 1.01 -23.12
N CYS B 126 -4.62 0.01 -22.23
CA CYS B 126 -3.78 -1.14 -22.55
C CYS B 126 -4.35 -1.97 -23.69
N ARG B 127 -5.68 -2.08 -23.78
CA ARG B 127 -6.26 -2.81 -24.90
C ARG B 127 -5.89 -2.14 -26.22
N GLU B 128 -5.85 -0.81 -26.23
CA GLU B 128 -5.49 -0.09 -27.46
C GLU B 128 -4.00 -0.23 -27.78
N GLN B 129 -3.14 -0.26 -26.77
CA GLN B 129 -1.70 -0.45 -26.97
C GLN B 129 -1.20 -1.45 -25.94
N PRO B 130 -1.25 -2.74 -26.25
CA PRO B 130 -0.91 -3.75 -25.25
C PRO B 130 0.58 -3.80 -24.95
N TYR B 131 0.90 -3.98 -23.67
CA TYR B 131 2.28 -4.21 -23.27
C TYR B 131 2.77 -5.53 -23.89
N LYS B 132 4.08 -5.73 -23.89
CA LYS B 132 4.63 -6.98 -24.40
C LYS B 132 4.06 -8.20 -23.68
N GLY B 133 3.44 -9.10 -24.44
CA GLY B 133 2.86 -10.32 -23.92
C GLY B 133 1.56 -10.14 -23.18
N MET B 134 0.94 -8.97 -23.28
CA MET B 134 -0.26 -8.67 -22.50
C MET B 134 -1.47 -9.46 -22.94
N VAL B 135 -2.14 -10.07 -21.96
CA VAL B 135 -3.41 -10.76 -22.15
C VAL B 135 -4.40 -10.25 -21.12
N PHE B 136 -5.69 -10.28 -21.48
CA PHE B 136 -6.75 -9.77 -20.65
C PHE B 136 -7.69 -10.90 -20.27
N PHE B 137 -8.45 -10.68 -19.18
CA PHE B 137 -9.29 -11.73 -18.62
C PHE B 137 -10.69 -11.17 -18.40
N GLU B 138 -11.70 -11.88 -18.92
CA GLU B 138 -13.05 -11.34 -18.94
C GLU B 138 -13.73 -11.51 -17.58
N GLN B 139 -14.55 -10.53 -17.22
CA GLN B 139 -15.14 -10.40 -15.88
C GLN B 139 -14.09 -10.25 -14.79
C1 FCN C . -0.62 -1.28 12.68
C2 FCN C . -1.47 -0.44 11.90
C3 FCN C . -3.00 -0.55 12.14
O FCN C . -0.78 -1.54 11.27
P FCN C . -1.30 -2.75 13.55
O1P FCN C . -2.58 -2.52 14.35
O2P FCN C . -0.18 -3.21 14.45
O3P FCN C . -1.53 -3.80 12.47
MN MN D . -1.63 -3.36 10.43
NA NA E . 9.94 -2.83 3.93
NA NA F . -6.03 14.17 1.55
NA NA G . 13.46 -1.37 -9.43
NA NA H . -9.53 -0.07 -8.52
NA NA I . 5.72 -18.67 3.02
NA NA J . 4.69 -2.27 16.67
NA NA K . 4.25 -18.40 0.06
K K L . -5.45 -6.03 15.24
O1 TLA M . 2.88 0.61 -16.41
O11 TLA M . 1.67 -0.74 -15.07
C1 TLA M . 2.56 0.08 -15.32
C2 TLA M . 3.37 0.56 -14.11
O2 TLA M . 2.98 -0.19 -12.99
C3 TLA M . 3.17 2.07 -13.91
O3 TLA M . 1.82 2.42 -13.87
C4 TLA M . 3.88 2.58 -12.65
O4 TLA M . 3.18 3.32 -11.90
O41 TLA M . 5.05 2.23 -12.49
MN MN N . 2.48 3.10 -9.94
NA NA O . 9.89 2.03 -1.02
NA NA P . 8.34 0.97 1.04
NA NA Q . -10.76 0.65 1.90
K K R . 1.29 6.86 -15.45
#